data_1QRU
#
_entry.id   1QRU
#
_cell.length_a   242.000
_cell.length_b   93.700
_cell.length_c   115.500
_cell.angle_alpha   90.00
_cell.angle_beta   90.00
_cell.angle_gamma   90.00
#
_symmetry.space_group_name_H-M   'C 2 2 21'
#
loop_
_entity.id
_entity.type
_entity.pdbx_description
1 polymer TRNAGLN2
2 polymer 'PROTEIN (GLUTAMINYL-TRNA SYNTHETASE (E.C.6.1.1.18))'
3 non-polymer "ADENOSINE-5'-TRIPHOSPHATE"
4 water water
#
loop_
_entity_poly.entity_id
_entity_poly.type
_entity_poly.pdbx_seq_one_letter_code
_entity_poly.pdbx_strand_id
1 'polyribonucleotide' UGGGGUAUCGCCAAGCGGUAAGGCACCGGAUUCUGAUUCCGGCAUUCCGAGGUUCGAAUCCUCGUACCCCAGCCA B
2 'polypeptide(L)'
;SEAEARPTNFIRQIIDEDLASGKHTTVHTRFPPEPNGYLHIGHAKSICLNFGIAQDYKGQCNLRFDDTNPVKEDIEYVES
IKNDVEWLGFHWSGNVRYSSDYFDQLHAYAIELINKGLAYVDELTPEQTREYRGTLTQPGKNSPYRDRSVEENLALFEKM
RAGGFEEGKACLRAKIDMASPFIVMRDPVLYRIKFAEHHQTGNKWCIYPMYDFTHCISDALEGITHSLCTLEFQDNRRLY
DWVLDNITIPVHPRQYEFSRLNLEYTVMSKRKLNLLVTDKHVEGWDDPRMPTISGLRRRGYTAASIREFCKRIGVTKQDN
TIEMASLESCIREDLNENAPRAMAVIDPVKLVIENYQGEGEMVTMPNHPNKPEMGSRQVPFSGEIWIDRADFREEANKQY
KRLVLGKEVRLRNAYVIKAERVEKDAEGNITTIFCTYDADTLSKDPADGRKVKGVIHWVSAAHALPVEIRLYDRLFSVPN
PGAADDFLSVINPESLVIKQGFAEPSLKDAVAGKAFQFEREGYFCLDSRHSTAEKPVFNRTVGLRDTWAKVGE
;
A
#
loop_
_chem_comp.id
_chem_comp.type
_chem_comp.name
_chem_comp.formula
A RNA linking ADENOSINE-5'-MONOPHOSPHATE 'C10 H14 N5 O7 P'
ATP non-polymer ADENOSINE-5'-TRIPHOSPHATE 'C10 H16 N5 O13 P3'
C RNA linking CYTIDINE-5'-MONOPHOSPHATE 'C9 H14 N3 O8 P'
G RNA linking GUANOSINE-5'-MONOPHOSPHATE 'C10 H14 N5 O8 P'
U RNA linking URIDINE-5'-MONOPHOSPHATE 'C9 H13 N2 O9 P'
#
# COMPACT_ATOMS: atom_id res chain seq x y z
N THR B 8 -13.89 -10.14 -16.19
CA THR B 8 -13.10 -11.33 -16.47
C THR B 8 -11.78 -10.89 -17.06
N ASN B 9 -10.74 -11.68 -16.81
CA ASN B 9 -9.42 -11.39 -17.32
C ASN B 9 -8.83 -12.68 -17.85
N PHE B 10 -7.61 -12.64 -18.36
CA PHE B 10 -6.99 -13.83 -18.94
C PHE B 10 -6.80 -14.95 -17.97
N ILE B 11 -6.53 -14.62 -16.72
CA ILE B 11 -6.31 -15.66 -15.74
C ILE B 11 -7.58 -16.42 -15.44
N ARG B 12 -8.72 -15.74 -15.48
CA ARG B 12 -10.00 -16.39 -15.20
C ARG B 12 -10.50 -17.20 -16.35
N GLN B 13 -10.07 -16.87 -17.56
CA GLN B 13 -10.52 -17.66 -18.70
C GLN B 13 -9.78 -18.98 -18.62
N ILE B 14 -8.56 -18.92 -18.13
CA ILE B 14 -7.75 -20.12 -17.99
C ILE B 14 -8.39 -21.01 -16.93
N ILE B 15 -8.77 -20.40 -15.82
CA ILE B 15 -9.39 -21.14 -14.74
C ILE B 15 -10.70 -21.75 -15.20
N ASP B 16 -11.48 -20.99 -15.96
CA ASP B 16 -12.75 -21.50 -16.44
C ASP B 16 -12.52 -22.75 -17.29
N GLU B 17 -11.57 -22.65 -18.19
CA GLU B 17 -11.23 -23.77 -19.04
C GLU B 17 -10.83 -24.94 -18.17
N ASP B 18 -9.98 -24.69 -17.17
CA ASP B 18 -9.52 -25.77 -16.30
C ASP B 18 -10.66 -26.50 -15.63
N LEU B 19 -11.64 -25.76 -15.12
CA LEU B 19 -12.78 -26.36 -14.47
C LEU B 19 -13.59 -27.19 -15.46
N ALA B 20 -13.91 -26.58 -16.60
CA ALA B 20 -14.71 -27.20 -17.66
C ALA B 20 -14.08 -28.47 -18.18
N SER B 21 -12.85 -28.37 -18.64
CA SER B 21 -12.12 -29.50 -19.18
C SER B 21 -11.97 -30.62 -18.15
N GLY B 22 -12.29 -30.32 -16.90
CA GLY B 22 -12.15 -31.33 -15.87
C GLY B 22 -10.70 -31.44 -15.46
N LYS B 23 -9.90 -30.43 -15.77
CA LYS B 23 -8.51 -30.51 -15.37
C LYS B 23 -8.48 -30.40 -13.85
N HIS B 24 -9.36 -29.57 -13.30
CA HIS B 24 -9.44 -29.39 -11.85
C HIS B 24 -10.88 -29.45 -11.42
N THR B 25 -11.08 -29.52 -10.12
CA THR B 25 -12.41 -29.57 -9.59
C THR B 25 -12.52 -28.42 -8.62
N THR B 26 -11.41 -28.10 -7.94
CA THR B 26 -11.40 -26.97 -7.01
C THR B 26 -10.22 -26.08 -7.36
N VAL B 27 -10.29 -24.78 -7.08
CA VAL B 27 -9.13 -23.93 -7.35
C VAL B 27 -8.47 -23.55 -6.04
N HIS B 28 -7.14 -23.64 -6.00
CA HIS B 28 -6.40 -23.29 -4.81
C HIS B 28 -5.22 -22.37 -5.13
N THR B 29 -5.37 -21.11 -4.73
CA THR B 29 -4.36 -20.11 -4.97
C THR B 29 -3.67 -19.74 -3.67
N ARG B 30 -2.70 -18.83 -3.71
CA ARG B 30 -1.99 -18.41 -2.49
C ARG B 30 -1.40 -17.03 -2.66
N PHE B 31 -1.20 -16.31 -1.57
CA PHE B 31 -0.60 -15.00 -1.65
C PHE B 31 0.67 -15.25 -0.89
N PRO B 32 1.85 -14.95 -1.46
CA PRO B 32 3.03 -15.26 -0.65
C PRO B 32 4.04 -14.14 -0.48
N PRO B 33 3.76 -13.19 0.41
CA PRO B 33 4.73 -12.13 0.53
C PRO B 33 5.87 -12.52 1.43
N GLU B 34 7.06 -11.98 1.18
CA GLU B 34 8.20 -12.26 2.04
C GLU B 34 8.00 -11.26 3.16
N PRO B 35 8.38 -11.61 4.38
CA PRO B 35 8.16 -10.59 5.39
C PRO B 35 9.37 -9.69 5.57
N ASN B 36 9.63 -8.82 4.60
CA ASN B 36 10.77 -7.91 4.68
C ASN B 36 10.34 -6.47 4.49
N GLY B 37 9.09 -6.19 4.83
CA GLY B 37 8.59 -4.85 4.65
C GLY B 37 7.09 -4.89 4.75
N TYR B 38 6.43 -3.75 4.85
CA TYR B 38 5.00 -3.73 4.92
C TYR B 38 4.43 -3.88 3.52
N LEU B 39 3.19 -4.33 3.44
CA LEU B 39 2.51 -4.55 2.16
C LEU B 39 2.19 -3.21 1.57
N HIS B 40 2.07 -3.13 0.26
CA HIS B 40 1.75 -1.87 -0.37
C HIS B 40 0.65 -2.03 -1.41
N ILE B 41 0.13 -0.91 -1.89
CA ILE B 41 -0.97 -0.91 -2.87
C ILE B 41 -0.73 -1.90 -4.03
N GLY B 42 0.54 -2.10 -4.38
CA GLY B 42 0.85 -3.04 -5.43
C GLY B 42 0.42 -4.39 -4.93
N HIS B 43 0.84 -4.75 -3.71
CA HIS B 43 0.50 -6.05 -3.15
C HIS B 43 -0.99 -6.26 -3.11
N ALA B 44 -1.71 -5.17 -2.89
CA ALA B 44 -3.15 -5.24 -2.82
C ALA B 44 -3.76 -5.79 -4.11
N LYS B 45 -3.10 -5.55 -5.23
CA LYS B 45 -3.60 -6.02 -6.51
C LYS B 45 -3.49 -7.53 -6.54
N SER B 46 -2.38 -8.05 -6.03
CA SER B 46 -2.16 -9.47 -6.00
C SER B 46 -3.12 -10.13 -5.00
N ILE B 47 -3.30 -9.51 -3.83
CA ILE B 47 -4.21 -10.01 -2.79
C ILE B 47 -5.63 -10.12 -3.33
N CYS B 48 -6.13 -9.06 -3.94
CA CYS B 48 -7.48 -9.08 -4.48
C CYS B 48 -7.60 -10.14 -5.54
N LEU B 49 -6.55 -10.41 -6.29
CA LEU B 49 -6.58 -11.40 -7.39
C LEU B 49 -6.64 -12.81 -6.81
N ASN B 50 -5.68 -13.11 -5.94
CA ASN B 50 -5.56 -14.43 -5.33
C ASN B 50 -6.72 -14.77 -4.38
N PHE B 51 -7.04 -13.88 -3.46
CA PHE B 51 -8.15 -14.17 -2.55
C PHE B 51 -9.48 -14.02 -3.25
N GLY B 52 -9.57 -13.13 -4.24
CA GLY B 52 -10.83 -12.94 -4.93
C GLY B 52 -11.28 -14.17 -5.71
N ILE B 53 -10.36 -14.75 -6.47
CA ILE B 53 -10.65 -15.93 -7.28
C ILE B 53 -11.14 -17.06 -6.37
N ALA B 54 -10.50 -17.21 -5.22
CA ALA B 54 -10.85 -18.24 -4.28
C ALA B 54 -12.29 -18.10 -3.89
N GLN B 55 -12.67 -16.99 -3.29
CA GLN B 55 -14.07 -16.86 -2.91
C GLN B 55 -15.02 -16.87 -4.10
N ASP B 56 -14.60 -16.38 -5.25
CA ASP B 56 -15.50 -16.40 -6.39
C ASP B 56 -15.77 -17.82 -6.84
N TYR B 57 -14.75 -18.64 -6.88
CA TYR B 57 -14.92 -20.01 -7.32
C TYR B 57 -15.14 -20.95 -6.16
N LYS B 58 -15.44 -20.42 -4.99
CA LYS B 58 -15.60 -21.24 -3.79
C LYS B 58 -14.37 -22.16 -3.71
N GLY B 59 -13.19 -21.57 -3.54
CA GLY B 59 -11.96 -22.33 -3.46
C GLY B 59 -11.15 -21.88 -2.26
N GLN B 60 -9.90 -22.30 -2.13
CA GLN B 60 -9.07 -21.88 -1.00
C GLN B 60 -7.92 -21.00 -1.46
N CYS B 61 -7.41 -20.17 -0.56
CA CYS B 61 -6.28 -19.33 -0.86
C CYS B 61 -5.43 -19.27 0.41
N ASN B 62 -4.20 -19.74 0.37
CA ASN B 62 -3.35 -19.73 1.56
C ASN B 62 -2.58 -18.45 1.74
N LEU B 63 -2.25 -18.12 2.96
CA LEU B 63 -1.41 -16.95 3.20
C LEU B 63 -0.13 -17.68 3.53
N ARG B 64 0.90 -17.48 2.73
CA ARG B 64 2.16 -18.16 2.98
C ARG B 64 3.30 -17.18 3.05
N PHE B 65 4.00 -17.14 4.16
CA PHE B 65 5.09 -16.22 4.27
C PHE B 65 6.32 -16.83 3.62
N ASP B 66 6.74 -16.32 2.47
CA ASP B 66 7.94 -16.84 1.84
C ASP B 66 9.17 -16.38 2.61
N ASP B 67 9.50 -17.06 3.71
CA ASP B 67 10.62 -16.66 4.56
C ASP B 67 11.87 -17.46 4.34
N THR B 68 12.45 -17.32 3.18
CA THR B 68 13.66 -18.05 2.84
C THR B 68 14.96 -17.29 3.08
N ASN B 69 14.90 -15.98 3.25
CA ASN B 69 16.10 -15.16 3.45
C ASN B 69 16.01 -14.48 4.82
N PRO B 70 16.54 -15.14 5.86
CA PRO B 70 16.53 -14.62 7.23
C PRO B 70 17.16 -13.26 7.50
N VAL B 71 18.12 -12.84 6.68
CA VAL B 71 18.82 -11.57 6.92
C VAL B 71 18.07 -10.36 6.44
N LYS B 72 16.86 -10.57 5.95
CA LYS B 72 16.10 -9.45 5.44
C LYS B 72 14.70 -9.37 5.99
N GLU B 73 14.30 -10.41 6.70
CA GLU B 73 12.95 -10.49 7.24
C GLU B 73 12.91 -10.22 8.73
N ASP B 74 11.75 -9.82 9.22
CA ASP B 74 11.58 -9.55 10.64
C ASP B 74 10.17 -9.90 11.07
N ILE B 75 10.05 -10.40 12.29
CA ILE B 75 8.75 -10.75 12.80
C ILE B 75 7.77 -9.59 12.77
N GLU B 76 8.23 -8.35 12.85
CA GLU B 76 7.30 -7.20 12.85
C GLU B 76 6.41 -7.23 11.61
N TYR B 77 7.02 -7.62 10.50
CA TYR B 77 6.34 -7.68 9.22
C TYR B 77 5.31 -8.79 9.13
N VAL B 78 5.59 -9.96 9.69
CA VAL B 78 4.62 -11.03 9.59
C VAL B 78 3.31 -10.64 10.27
N GLU B 79 3.41 -9.90 11.39
CA GLU B 79 2.25 -9.46 12.14
C GLU B 79 1.52 -8.35 11.42
N SER B 80 2.26 -7.43 10.83
CA SER B 80 1.64 -6.32 10.10
C SER B 80 0.98 -6.80 8.81
N ILE B 81 1.62 -7.79 8.17
CA ILE B 81 1.11 -8.37 6.92
C ILE B 81 -0.21 -9.09 7.15
N LYS B 82 -0.29 -9.89 8.20
CA LYS B 82 -1.54 -10.59 8.53
C LYS B 82 -2.62 -9.54 8.80
N ASN B 83 -2.19 -8.44 9.41
CA ASN B 83 -3.07 -7.35 9.76
C ASN B 83 -3.72 -6.72 8.54
N ASP B 84 -2.90 -6.28 7.59
CA ASP B 84 -3.43 -5.64 6.39
C ASP B 84 -4.29 -6.56 5.52
N VAL B 85 -3.94 -7.84 5.48
CA VAL B 85 -4.73 -8.76 4.67
C VAL B 85 -6.16 -8.81 5.17
N GLU B 86 -6.34 -8.90 6.48
CA GLU B 86 -7.67 -8.94 7.06
C GLU B 86 -8.40 -7.60 6.87
N TRP B 87 -7.69 -6.51 7.13
CA TRP B 87 -8.27 -5.20 7.00
C TRP B 87 -8.91 -5.00 5.63
N LEU B 88 -8.32 -5.57 4.58
CA LEU B 88 -8.86 -5.42 3.22
C LEU B 88 -10.11 -6.23 3.08
N GLY B 89 -10.35 -7.08 4.07
CA GLY B 89 -11.53 -7.90 4.09
C GLY B 89 -11.38 -9.26 3.48
N PHE B 90 -10.24 -9.91 3.65
CA PHE B 90 -10.01 -11.25 3.08
C PHE B 90 -9.50 -12.17 4.15
N HIS B 91 -9.86 -13.44 4.08
CA HIS B 91 -9.39 -14.39 5.06
C HIS B 91 -8.80 -15.56 4.31
N TRP B 92 -7.68 -16.04 4.84
CA TRP B 92 -7.01 -17.15 4.22
C TRP B 92 -7.62 -18.48 4.56
N SER B 93 -7.13 -19.51 3.90
CA SER B 93 -7.62 -20.84 4.08
C SER B 93 -6.81 -21.48 5.18
N GLY B 94 -7.50 -22.00 6.18
CA GLY B 94 -6.79 -22.67 7.25
C GLY B 94 -5.78 -21.82 8.00
N ASN B 95 -4.69 -22.43 8.40
CA ASN B 95 -3.66 -21.71 9.13
C ASN B 95 -2.67 -20.95 8.27
N VAL B 96 -1.96 -20.01 8.89
CA VAL B 96 -0.96 -19.22 8.18
C VAL B 96 0.14 -20.21 7.93
N ARG B 97 0.77 -20.12 6.77
CA ARG B 97 1.86 -21.05 6.44
C ARG B 97 3.15 -20.29 6.27
N TYR B 98 4.25 -21.02 6.31
CA TYR B 98 5.57 -20.44 6.14
C TYR B 98 6.40 -21.40 5.29
N SER B 99 7.30 -20.86 4.49
CA SER B 99 8.14 -21.71 3.69
C SER B 99 9.00 -22.43 4.68
N SER B 100 9.41 -21.75 5.74
CA SER B 100 10.21 -22.39 6.76
C SER B 100 9.48 -23.61 7.28
N ASP B 101 8.15 -23.64 7.13
CA ASP B 101 7.41 -24.82 7.58
C ASP B 101 7.95 -26.01 6.77
N TYR B 102 8.45 -25.77 5.57
CA TYR B 102 8.93 -26.86 4.73
C TYR B 102 10.43 -27.06 4.70
N PHE B 103 11.14 -26.51 5.66
CA PHE B 103 12.59 -26.65 5.66
C PHE B 103 13.09 -28.10 5.66
N ASP B 104 12.52 -28.98 6.47
CA ASP B 104 12.98 -30.36 6.49
C ASP B 104 12.64 -31.11 5.21
N GLN B 105 11.51 -30.74 4.59
CA GLN B 105 11.00 -31.31 3.33
C GLN B 105 11.91 -30.89 2.19
N LEU B 106 12.18 -29.60 2.16
CA LEU B 106 13.05 -29.02 1.15
C LEU B 106 14.40 -29.75 1.20
N HIS B 107 15.01 -29.82 2.38
CA HIS B 107 16.27 -30.50 2.52
C HIS B 107 16.20 -31.97 2.03
N ALA B 108 15.06 -32.62 2.29
CA ALA B 108 14.89 -34.00 1.86
C ALA B 108 14.88 -34.06 0.36
N TYR B 109 14.25 -33.08 -0.29
CA TYR B 109 14.21 -33.05 -1.74
C TYR B 109 15.52 -32.70 -2.37
N ALA B 110 16.35 -31.92 -1.66
CA ALA B 110 17.66 -31.56 -2.19
C ALA B 110 18.44 -32.85 -2.28
N ILE B 111 18.28 -33.72 -1.28
CA ILE B 111 18.97 -35.00 -1.26
C ILE B 111 18.53 -35.88 -2.42
N GLU B 112 17.24 -35.92 -2.73
CA GLU B 112 16.79 -36.72 -3.87
C GLU B 112 17.50 -36.23 -5.11
N LEU B 113 17.53 -34.91 -5.28
CA LEU B 113 18.22 -34.31 -6.42
C LEU B 113 19.66 -34.79 -6.43
N ILE B 114 20.34 -34.75 -5.27
CA ILE B 114 21.73 -35.18 -5.20
C ILE B 114 21.82 -36.66 -5.57
N ASN B 115 20.98 -37.47 -4.98
CA ASN B 115 20.98 -38.90 -5.25
C ASN B 115 20.84 -39.24 -6.72
N LYS B 116 20.16 -38.39 -7.50
CA LYS B 116 19.98 -38.62 -8.93
C LYS B 116 21.02 -37.89 -9.76
N GLY B 117 22.03 -37.32 -9.11
CA GLY B 117 23.06 -36.60 -9.83
C GLY B 117 22.61 -35.29 -10.46
N LEU B 118 21.45 -34.76 -10.06
CA LEU B 118 20.95 -33.50 -10.60
C LEU B 118 21.30 -32.29 -9.73
N ALA B 119 22.29 -32.44 -8.86
CA ALA B 119 22.72 -31.37 -7.97
C ALA B 119 24.12 -31.70 -7.40
N TYR B 120 24.87 -30.67 -7.05
CA TYR B 120 26.20 -30.91 -6.54
C TYR B 120 26.65 -29.75 -5.68
N VAL B 121 27.59 -29.98 -4.79
CA VAL B 121 28.11 -28.91 -3.94
C VAL B 121 29.25 -28.26 -4.70
N ASP B 122 29.05 -27.02 -5.10
CA ASP B 122 30.06 -26.32 -5.82
C ASP B 122 30.86 -25.51 -4.84
N GLU B 123 32.11 -25.21 -5.19
CA GLU B 123 32.96 -24.43 -4.31
C GLU B 123 33.51 -23.14 -4.93
N LEU B 124 33.04 -22.82 -6.12
CA LEU B 124 33.48 -21.59 -6.78
C LEU B 124 33.11 -20.43 -5.82
N THR B 125 33.96 -19.43 -5.69
CA THR B 125 33.61 -18.33 -4.80
C THR B 125 32.41 -17.55 -5.36
N PRO B 126 31.97 -16.50 -4.65
CA PRO B 126 30.85 -15.74 -5.19
C PRO B 126 31.22 -14.95 -6.43
N GLU B 127 32.43 -14.41 -6.45
CA GLU B 127 32.85 -13.68 -7.62
C GLU B 127 32.99 -14.62 -8.82
N GLN B 128 33.58 -15.80 -8.58
CA GLN B 128 33.80 -16.81 -9.61
C GLN B 128 32.51 -17.35 -10.19
N THR B 129 31.56 -17.72 -9.32
CA THR B 129 30.28 -18.23 -9.79
C THR B 129 29.71 -17.27 -10.86
N ARG B 130 29.81 -15.96 -10.60
CA ARG B 130 29.31 -14.94 -11.51
C ARG B 130 30.05 -15.03 -12.82
N GLU B 131 31.37 -15.15 -12.75
CA GLU B 131 32.21 -15.23 -13.93
C GLU B 131 31.90 -16.41 -14.83
N TYR B 132 31.72 -17.60 -14.26
CA TYR B 132 31.43 -18.80 -15.05
C TYR B 132 30.03 -18.81 -15.66
N ARG B 133 29.14 -17.97 -15.16
CA ARG B 133 27.75 -17.94 -15.59
C ARG B 133 27.46 -17.43 -17.02
N GLY B 134 28.46 -16.86 -17.67
CA GLY B 134 28.27 -16.33 -19.01
C GLY B 134 27.57 -15.00 -18.87
N THR B 135 27.16 -14.41 -19.98
CA THR B 135 26.48 -13.12 -19.98
C THR B 135 25.16 -13.32 -20.71
N LEU B 136 24.52 -12.25 -21.18
CA LEU B 136 23.26 -12.42 -21.89
C LEU B 136 23.41 -12.86 -23.34
N THR B 137 24.64 -13.01 -23.80
CA THR B 137 24.92 -13.39 -25.17
C THR B 137 25.99 -14.47 -25.28
N GLN B 138 26.71 -14.64 -24.17
CA GLN B 138 27.77 -15.62 -24.07
C GLN B 138 27.39 -16.73 -23.12
N PRO B 139 27.43 -17.98 -23.60
CA PRO B 139 27.07 -19.08 -22.72
C PRO B 139 28.03 -19.19 -21.52
N GLY B 140 27.60 -19.85 -20.46
CA GLY B 140 28.46 -20.04 -19.30
C GLY B 140 29.37 -21.26 -19.41
N LYS B 141 29.97 -21.64 -18.28
CA LYS B 141 30.88 -22.77 -18.24
C LYS B 141 30.80 -23.64 -16.97
N ASN B 142 31.00 -24.94 -17.15
CA ASN B 142 30.97 -25.88 -16.04
C ASN B 142 32.06 -25.61 -15.02
N SER B 143 31.64 -25.54 -13.78
CA SER B 143 32.56 -25.34 -12.67
C SER B 143 33.40 -26.61 -12.61
N PRO B 144 34.66 -26.52 -12.16
CA PRO B 144 35.54 -27.70 -12.07
C PRO B 144 35.04 -28.69 -11.01
N TYR B 145 34.12 -28.24 -10.18
CA TYR B 145 33.59 -29.06 -9.10
C TYR B 145 32.30 -29.76 -9.55
N ARG B 146 31.83 -29.44 -10.74
CA ARG B 146 30.57 -29.98 -11.22
C ARG B 146 30.43 -31.49 -11.32
N ASP B 147 31.51 -32.24 -11.43
CA ASP B 147 31.33 -33.68 -11.53
C ASP B 147 31.74 -34.48 -10.31
N ARG B 148 31.42 -34.00 -9.12
CA ARG B 148 31.77 -34.75 -7.93
C ARG B 148 30.81 -35.93 -7.91
N SER B 149 31.15 -36.98 -7.18
CA SER B 149 30.31 -38.15 -7.06
C SER B 149 29.12 -37.93 -6.15
N VAL B 150 28.04 -38.68 -6.36
CA VAL B 150 26.87 -38.56 -5.51
C VAL B 150 27.29 -38.68 -4.07
N GLU B 151 28.19 -39.62 -3.84
CA GLU B 151 28.72 -39.85 -2.51
C GLU B 151 29.43 -38.61 -1.99
N GLU B 152 30.22 -37.98 -2.83
CA GLU B 152 30.96 -36.80 -2.42
C GLU B 152 30.03 -35.64 -2.10
N ASN B 153 28.99 -35.52 -2.89
CA ASN B 153 28.02 -34.46 -2.74
C ASN B 153 27.23 -34.63 -1.48
N LEU B 154 26.91 -35.88 -1.13
CA LEU B 154 26.17 -36.15 0.09
C LEU B 154 27.03 -35.69 1.29
N ALA B 155 28.31 -36.03 1.23
CA ALA B 155 29.23 -35.67 2.29
C ALA B 155 29.36 -34.17 2.41
N LEU B 156 29.62 -33.49 1.30
CA LEU B 156 29.78 -32.05 1.35
C LEU B 156 28.49 -31.33 1.76
N PHE B 157 27.34 -31.84 1.32
CA PHE B 157 26.08 -31.18 1.68
C PHE B 157 25.86 -31.24 3.22
N GLU B 158 26.05 -32.40 3.82
CA GLU B 158 25.88 -32.52 5.27
C GLU B 158 26.90 -31.65 6.02
N LYS B 159 28.07 -31.45 5.41
CA LYS B 159 29.10 -30.60 6.01
C LYS B 159 28.54 -29.19 5.99
N MET B 160 27.92 -28.83 4.87
CA MET B 160 27.28 -27.53 4.79
C MET B 160 26.24 -27.43 5.89
N ARG B 161 25.28 -28.36 5.87
CA ARG B 161 24.19 -28.39 6.81
C ARG B 161 24.70 -28.31 8.21
N ALA B 162 25.75 -29.07 8.49
CA ALA B 162 26.37 -29.11 9.82
C ALA B 162 27.32 -27.94 10.12
N GLY B 163 27.16 -26.84 9.40
CA GLY B 163 27.96 -25.65 9.61
C GLY B 163 29.47 -25.77 9.51
N GLY B 164 29.95 -26.68 8.69
CA GLY B 164 31.38 -26.86 8.53
C GLY B 164 32.03 -25.94 7.52
N PHE B 165 31.22 -25.26 6.71
CA PHE B 165 31.70 -24.33 5.68
C PHE B 165 31.34 -22.89 6.03
N GLU B 166 32.23 -21.96 5.71
CA GLU B 166 31.98 -20.56 5.98
C GLU B 166 30.96 -20.04 4.99
N GLU B 167 30.41 -18.87 5.26
CA GLU B 167 29.44 -18.33 4.33
C GLU B 167 30.12 -18.11 3.01
N GLY B 168 29.43 -18.44 1.93
CA GLY B 168 29.96 -18.23 0.60
C GLY B 168 31.04 -19.21 0.16
N LYS B 169 31.51 -20.01 1.09
CA LYS B 169 32.55 -20.94 0.77
C LYS B 169 32.10 -22.20 0.05
N ALA B 170 30.79 -22.40 -0.08
CA ALA B 170 30.27 -23.59 -0.76
C ALA B 170 28.79 -23.48 -0.85
N CYS B 171 28.19 -23.99 -1.91
CA CYS B 171 26.75 -23.93 -1.97
C CYS B 171 26.27 -25.10 -2.82
N LEU B 172 24.97 -25.39 -2.79
CA LEU B 172 24.44 -26.51 -3.56
C LEU B 172 23.86 -25.94 -4.82
N ARG B 173 24.05 -26.61 -5.96
CA ARG B 173 23.56 -26.13 -7.27
C ARG B 173 22.86 -27.18 -8.11
N ALA B 174 21.88 -26.78 -8.89
CA ALA B 174 21.19 -27.71 -9.75
C ALA B 174 22.12 -28.00 -10.94
N LYS B 175 22.12 -29.22 -11.43
CA LYS B 175 22.96 -29.57 -12.54
C LYS B 175 22.10 -29.52 -13.80
N ILE B 176 21.97 -28.35 -14.39
CA ILE B 176 21.14 -28.20 -15.57
C ILE B 176 21.94 -27.98 -16.81
N ASP B 177 21.94 -26.78 -17.37
CA ASP B 177 22.65 -26.51 -18.61
C ASP B 177 23.33 -25.14 -18.64
N MET B 178 24.64 -25.10 -18.47
CA MET B 178 25.37 -23.83 -18.46
C MET B 178 25.31 -23.01 -19.74
N ALA B 179 24.75 -23.59 -20.82
CA ALA B 179 24.66 -22.88 -22.09
C ALA B 179 23.22 -22.56 -22.45
N SER B 180 22.32 -22.86 -21.54
CA SER B 180 20.91 -22.58 -21.79
C SER B 180 20.71 -21.11 -22.03
N PRO B 181 19.82 -20.79 -22.96
CA PRO B 181 19.58 -19.38 -23.22
C PRO B 181 18.94 -18.72 -21.99
N PHE B 182 18.25 -19.51 -21.16
CA PHE B 182 17.64 -18.97 -19.93
C PHE B 182 18.77 -18.85 -18.91
N ILE B 183 19.07 -17.63 -18.43
CA ILE B 183 20.13 -17.48 -17.44
C ILE B 183 19.74 -18.22 -16.19
N VAL B 184 18.43 -18.33 -15.94
CA VAL B 184 17.98 -19.00 -14.74
C VAL B 184 18.25 -20.48 -14.69
N MET B 185 18.53 -21.13 -15.82
CA MET B 185 18.81 -22.57 -15.83
C MET B 185 20.29 -22.92 -15.87
N ARG B 186 21.16 -21.92 -15.72
CA ARG B 186 22.61 -22.18 -15.74
C ARG B 186 23.07 -22.58 -14.34
N ASP B 187 22.70 -23.79 -13.92
CA ASP B 187 23.05 -24.35 -12.64
C ASP B 187 22.63 -23.50 -11.44
N PRO B 188 21.37 -23.06 -11.41
CA PRO B 188 20.81 -22.24 -10.33
C PRO B 188 21.13 -22.77 -8.96
N VAL B 189 21.62 -21.91 -8.08
CA VAL B 189 21.92 -22.26 -6.70
C VAL B 189 20.59 -22.68 -6.07
N LEU B 190 20.68 -23.68 -5.20
CA LEU B 190 19.54 -24.22 -4.49
C LEU B 190 19.65 -23.96 -2.99
N TYR B 191 20.87 -23.89 -2.47
CA TYR B 191 21.11 -23.66 -1.03
C TYR B 191 22.35 -22.80 -0.84
N ARG B 192 22.28 -21.90 0.13
CA ARG B 192 23.42 -21.05 0.44
C ARG B 192 23.56 -20.99 1.95
N ILE B 193 24.78 -20.80 2.44
CA ILE B 193 25.02 -20.75 3.88
C ILE B 193 24.80 -19.39 4.48
N LYS B 194 24.02 -19.33 5.55
CA LYS B 194 23.77 -18.09 6.22
C LYS B 194 23.68 -18.45 7.67
N PHE B 195 24.67 -18.01 8.46
CA PHE B 195 24.67 -18.24 9.89
C PHE B 195 23.89 -17.05 10.49
N ALA B 196 22.58 -17.08 10.31
CA ALA B 196 21.73 -16.01 10.80
C ALA B 196 20.51 -16.63 11.45
N GLU B 197 20.11 -16.08 12.58
CA GLU B 197 18.96 -16.55 13.34
C GLU B 197 17.74 -16.28 12.48
N HIS B 198 16.90 -17.28 12.27
CA HIS B 198 15.71 -17.15 11.46
C HIS B 198 14.56 -16.81 12.39
N HIS B 199 13.66 -15.92 11.97
CA HIS B 199 12.56 -15.51 12.86
C HIS B 199 11.55 -16.57 13.23
N GLN B 200 11.64 -17.75 12.60
CA GLN B 200 10.70 -18.82 12.92
C GLN B 200 11.47 -20.02 13.45
N THR B 201 12.53 -20.40 12.74
CA THR B 201 13.33 -21.56 13.11
C THR B 201 14.56 -21.24 13.95
N GLY B 202 14.64 -20.03 14.49
CA GLY B 202 15.75 -19.65 15.33
C GLY B 202 17.11 -19.95 14.76
N ASN B 203 17.85 -20.86 15.36
CA ASN B 203 19.18 -21.21 14.86
C ASN B 203 19.25 -22.65 14.42
N LYS B 204 18.09 -23.27 14.24
CA LYS B 204 18.01 -24.67 13.83
C LYS B 204 18.76 -24.84 12.52
N TRP B 205 18.65 -23.85 11.63
CA TRP B 205 19.31 -23.94 10.33
C TRP B 205 20.43 -22.91 10.05
N CYS B 206 21.41 -23.33 9.24
CA CYS B 206 22.44 -22.39 8.82
C CYS B 206 22.60 -22.42 7.31
N ILE B 207 21.85 -23.30 6.64
CA ILE B 207 21.81 -23.33 5.17
C ILE B 207 20.33 -23.04 4.84
N TYR B 208 20.06 -22.09 3.95
CA TYR B 208 18.69 -21.71 3.58
C TYR B 208 18.42 -21.86 2.08
N PRO B 209 17.24 -22.38 1.69
CA PRO B 209 16.80 -22.61 0.32
C PRO B 209 16.53 -21.33 -0.41
N MET B 210 16.80 -21.32 -1.70
CA MET B 210 16.57 -20.14 -2.52
C MET B 210 15.12 -20.11 -2.94
N TYR B 211 14.68 -18.94 -3.41
CA TYR B 211 13.32 -18.77 -3.84
C TYR B 211 12.90 -19.84 -4.83
N ASP B 212 13.59 -19.98 -5.96
CA ASP B 212 13.16 -20.95 -6.97
C ASP B 212 13.02 -22.39 -6.53
N PHE B 213 13.89 -22.84 -5.65
CA PHE B 213 13.76 -24.19 -5.15
C PHE B 213 12.56 -24.28 -4.19
N THR B 214 12.41 -23.30 -3.30
CA THR B 214 11.34 -23.29 -2.30
C THR B 214 9.90 -23.14 -2.82
N HIS B 215 9.70 -22.19 -3.71
CA HIS B 215 8.39 -21.92 -4.18
C HIS B 215 7.55 -22.95 -4.89
N CYS B 216 8.14 -23.75 -5.77
CA CYS B 216 7.36 -24.73 -6.50
C CYS B 216 7.05 -25.90 -5.61
N ILE B 217 8.04 -26.33 -4.84
CA ILE B 217 7.82 -27.41 -3.89
C ILE B 217 6.74 -27.05 -2.87
N SER B 218 6.76 -25.82 -2.35
CA SER B 218 5.74 -25.38 -1.40
C SER B 218 4.36 -25.36 -2.04
N ASP B 219 4.23 -24.89 -3.28
CA ASP B 219 2.95 -24.87 -3.96
C ASP B 219 2.42 -26.29 -4.15
N ALA B 220 3.32 -27.21 -4.52
CA ALA B 220 2.97 -28.62 -4.71
C ALA B 220 2.45 -29.19 -3.42
N LEU B 221 3.25 -29.10 -2.37
CA LEU B 221 2.84 -29.59 -1.07
C LEU B 221 1.49 -29.02 -0.63
N GLU B 222 1.23 -27.76 -0.91
CA GLU B 222 -0.03 -27.20 -0.50
C GLU B 222 -1.14 -27.50 -1.46
N GLY B 223 -0.84 -28.08 -2.59
CA GLY B 223 -1.89 -28.39 -3.53
C GLY B 223 -2.45 -27.17 -4.22
N ILE B 224 -1.60 -26.19 -4.49
CA ILE B 224 -2.00 -24.97 -5.16
C ILE B 224 -2.28 -25.34 -6.58
N THR B 225 -3.39 -24.87 -7.13
CA THR B 225 -3.73 -25.20 -8.51
C THR B 225 -3.23 -24.19 -9.53
N HIS B 226 -3.11 -22.92 -9.14
CA HIS B 226 -2.61 -21.92 -10.06
C HIS B 226 -1.71 -20.96 -9.30
N SER B 227 -0.41 -20.97 -9.61
CA SER B 227 0.51 -20.07 -8.96
C SER B 227 0.49 -18.80 -9.77
N LEU B 228 0.00 -17.70 -9.18
CA LEU B 228 -0.10 -16.43 -9.90
C LEU B 228 0.92 -15.45 -9.36
N CYS B 229 1.73 -14.89 -10.22
CA CYS B 229 2.71 -13.91 -9.74
C CYS B 229 3.03 -12.95 -10.87
N THR B 230 3.97 -12.04 -10.66
CA THR B 230 4.25 -11.05 -11.68
C THR B 230 5.20 -11.40 -12.81
N LEU B 231 5.13 -10.61 -13.86
CA LEU B 231 5.92 -10.81 -15.06
C LEU B 231 7.42 -11.14 -14.97
N GLU B 232 8.17 -10.61 -14.02
CA GLU B 232 9.60 -10.92 -13.97
C GLU B 232 9.88 -12.40 -13.82
N PHE B 233 8.86 -13.17 -13.42
CA PHE B 233 9.02 -14.60 -13.20
C PHE B 233 8.73 -15.50 -14.39
N GLN B 234 8.45 -14.93 -15.57
CA GLN B 234 8.16 -15.77 -16.73
C GLN B 234 9.34 -16.68 -17.06
N ASP B 235 10.56 -16.16 -16.99
CA ASP B 235 11.76 -16.97 -17.29
C ASP B 235 11.89 -18.02 -16.22
N ASN B 236 11.71 -17.57 -14.99
CA ASN B 236 11.79 -18.43 -13.81
C ASN B 236 10.86 -19.63 -13.91
N ARG B 237 9.72 -19.44 -14.55
CA ARG B 237 8.79 -20.54 -14.68
C ARG B 237 9.48 -21.81 -15.15
N ARG B 238 10.50 -21.69 -15.98
CA ARG B 238 11.21 -22.85 -16.48
C ARG B 238 11.86 -23.65 -15.35
N LEU B 239 12.38 -22.96 -14.34
CA LEU B 239 13.02 -23.64 -13.22
C LEU B 239 11.93 -24.27 -12.35
N TYR B 240 10.82 -23.58 -12.25
CA TYR B 240 9.68 -24.05 -11.48
C TYR B 240 9.41 -25.45 -12.00
N ASP B 241 9.05 -25.53 -13.27
CA ASP B 241 8.77 -26.81 -13.86
C ASP B 241 9.93 -27.81 -13.77
N TRP B 242 11.15 -27.35 -13.99
CA TRP B 242 12.27 -28.29 -13.93
C TRP B 242 12.40 -28.95 -12.56
N VAL B 243 12.29 -28.18 -11.49
CA VAL B 243 12.38 -28.75 -10.17
C VAL B 243 11.25 -29.79 -10.02
N LEU B 244 10.01 -29.36 -10.19
CA LEU B 244 8.88 -30.27 -10.04
C LEU B 244 8.94 -31.50 -10.89
N ASP B 245 9.62 -31.42 -12.02
CA ASP B 245 9.72 -32.60 -12.88
C ASP B 245 10.75 -33.62 -12.46
N ASN B 246 11.66 -33.26 -11.56
CA ASN B 246 12.71 -34.18 -11.14
C ASN B 246 12.76 -34.62 -9.68
N ILE B 247 11.62 -34.60 -9.00
CA ILE B 247 11.55 -35.00 -7.61
C ILE B 247 10.22 -35.73 -7.44
N THR B 248 10.12 -36.61 -6.47
CA THR B 248 8.88 -37.31 -6.29
C THR B 248 7.84 -36.45 -5.59
N ILE B 249 6.92 -35.89 -6.37
CA ILE B 249 5.88 -35.04 -5.82
C ILE B 249 4.70 -35.46 -6.67
N PRO B 250 3.50 -35.57 -6.11
CA PRO B 250 2.43 -36.01 -6.99
C PRO B 250 1.59 -35.02 -7.75
N VAL B 251 1.86 -33.72 -7.62
CA VAL B 251 1.04 -32.73 -8.32
C VAL B 251 1.99 -31.74 -8.92
N HIS B 252 1.56 -31.00 -9.91
CA HIS B 252 2.43 -30.01 -10.54
C HIS B 252 1.68 -28.71 -10.82
N PRO B 253 1.64 -27.80 -9.84
CA PRO B 253 0.95 -26.53 -10.03
C PRO B 253 1.48 -25.78 -11.25
N ARG B 254 0.62 -25.00 -11.88
CA ARG B 254 1.02 -24.20 -13.03
C ARG B 254 1.07 -22.74 -12.63
N GLN B 255 2.12 -22.03 -13.09
CA GLN B 255 2.32 -20.60 -12.83
C GLN B 255 1.81 -19.76 -13.99
N TYR B 256 1.15 -18.65 -13.66
CA TYR B 256 0.63 -17.73 -14.67
C TYR B 256 1.04 -16.37 -14.17
N GLU B 257 1.46 -15.52 -15.09
CA GLU B 257 1.95 -14.21 -14.74
C GLU B 257 1.15 -13.07 -15.30
N PHE B 258 0.98 -12.03 -14.50
CA PHE B 258 0.25 -10.84 -14.89
C PHE B 258 1.18 -9.68 -14.58
N SER B 259 0.97 -8.51 -15.19
CA SER B 259 1.83 -7.37 -14.98
C SER B 259 1.61 -6.71 -13.62
N ARG B 260 2.67 -6.13 -13.07
CA ARG B 260 2.56 -5.47 -11.78
C ARG B 260 2.05 -4.04 -11.92
N LEU B 261 1.56 -3.53 -10.80
CA LEU B 261 1.01 -2.20 -10.72
C LEU B 261 2.08 -1.16 -10.51
N ASN B 262 2.01 -0.10 -11.31
CA ASN B 262 2.91 1.01 -11.18
C ASN B 262 1.97 2.19 -10.98
N LEU B 263 2.28 3.00 -9.98
CA LEU B 263 1.43 4.11 -9.69
C LEU B 263 2.24 5.33 -9.92
N GLU B 264 1.62 6.33 -10.51
CA GLU B 264 2.27 7.59 -10.85
C GLU B 264 2.66 8.30 -9.57
N TYR B 265 3.77 9.00 -9.59
CA TYR B 265 4.29 9.74 -8.43
C TYR B 265 4.70 8.95 -7.20
N THR B 266 4.77 7.63 -7.28
CA THR B 266 5.17 6.87 -6.11
C THR B 266 6.15 5.72 -6.39
N VAL B 267 6.94 5.30 -5.41
CA VAL B 267 7.84 4.18 -5.62
C VAL B 267 7.26 2.97 -4.87
N MET B 268 7.32 1.79 -5.47
CA MET B 268 6.81 0.56 -4.87
C MET B 268 7.95 -0.34 -4.32
N SER B 269 9.12 -0.23 -4.91
CA SER B 269 10.24 -1.05 -4.47
C SER B 269 10.36 -1.04 -2.95
N LYS B 270 10.23 -2.18 -2.29
CA LYS B 270 10.38 -2.13 -0.85
C LYS B 270 11.77 -1.66 -0.40
N ARG B 271 12.77 -1.83 -1.24
CA ARG B 271 14.13 -1.38 -0.92
C ARG B 271 14.07 0.11 -0.73
N LYS B 272 13.40 0.77 -1.67
CA LYS B 272 13.27 2.21 -1.64
C LYS B 272 12.41 2.69 -0.51
N LEU B 273 11.23 2.08 -0.34
CA LEU B 273 10.32 2.47 0.73
C LEU B 273 11.09 2.31 2.04
N ASN B 274 11.95 1.32 2.07
CA ASN B 274 12.69 1.12 3.27
C ASN B 274 13.66 2.26 3.51
N LEU B 275 14.16 2.83 2.43
CA LEU B 275 15.12 3.93 2.56
C LEU B 275 14.43 5.16 3.13
N LEU B 276 13.25 5.51 2.59
CA LEU B 276 12.52 6.66 3.08
C LEU B 276 12.33 6.52 4.59
N VAL B 277 12.01 5.31 5.05
CA VAL B 277 11.76 5.09 6.47
C VAL B 277 13.00 5.12 7.34
N THR B 278 14.01 4.40 6.90
CA THR B 278 15.28 4.31 7.58
C THR B 278 15.97 5.68 7.66
N ASP B 279 15.92 6.45 6.58
CA ASP B 279 16.57 7.74 6.55
C ASP B 279 15.67 8.80 7.12
N LYS B 280 14.62 8.36 7.79
CA LYS B 280 13.65 9.24 8.42
C LYS B 280 13.01 10.29 7.51
N HIS B 281 12.93 10.07 6.19
CA HIS B 281 12.28 11.08 5.36
C HIS B 281 10.77 11.05 5.51
N VAL B 282 10.23 10.00 6.13
CA VAL B 282 8.79 9.91 6.41
C VAL B 282 8.71 9.38 7.85
N GLU B 283 7.54 9.46 8.48
CA GLU B 283 7.37 9.04 9.85
C GLU B 283 7.62 7.58 10.10
N GLY B 284 7.20 6.76 9.14
CA GLY B 284 7.39 5.32 9.26
C GLY B 284 6.55 4.69 8.18
N TRP B 285 6.57 3.36 8.08
CA TRP B 285 5.82 2.65 7.04
C TRP B 285 4.38 3.04 6.83
N ASP B 286 3.73 3.49 7.88
CA ASP B 286 2.33 3.88 7.80
C ASP B 286 2.14 5.39 7.74
N ASP B 287 3.15 6.11 7.28
CA ASP B 287 3.05 7.55 7.14
C ASP B 287 1.96 7.75 6.06
N PRO B 288 1.11 8.79 6.20
CA PRO B 288 0.09 8.92 5.16
C PRO B 288 0.53 9.16 3.73
N ARG B 289 1.77 9.55 3.48
CA ARG B 289 2.22 9.75 2.08
C ARG B 289 2.73 8.45 1.44
N MET B 290 2.93 7.40 2.25
CA MET B 290 3.47 6.13 1.75
C MET B 290 2.42 5.42 0.96
N PRO B 291 2.83 4.58 -0.03
CA PRO B 291 1.81 3.86 -0.83
C PRO B 291 1.47 2.54 -0.16
N THR B 292 1.85 2.38 1.11
CA THR B 292 1.57 1.17 1.82
C THR B 292 0.06 1.12 2.20
N ILE B 293 -0.45 -0.11 2.34
CA ILE B 293 -1.85 -0.32 2.70
C ILE B 293 -2.08 0.31 4.07
N SER B 294 -1.17 0.14 5.02
CA SER B 294 -1.41 0.71 6.34
C SER B 294 -1.35 2.23 6.28
N GLY B 295 -0.47 2.75 5.43
CA GLY B 295 -0.38 4.19 5.29
C GLY B 295 -1.65 4.70 4.66
N LEU B 296 -2.15 4.00 3.64
CA LEU B 296 -3.39 4.39 2.97
C LEU B 296 -4.53 4.41 3.99
N ARG B 297 -4.54 3.42 4.87
CA ARG B 297 -5.53 3.30 5.92
C ARG B 297 -5.49 4.56 6.79
N ARG B 298 -4.32 4.85 7.38
CA ARG B 298 -4.12 6.03 8.24
C ARG B 298 -4.45 7.31 7.51
N ARG B 299 -4.23 7.29 6.20
CA ARG B 299 -4.48 8.42 5.35
C ARG B 299 -5.97 8.59 5.32
N GLY B 300 -6.68 7.51 5.59
CA GLY B 300 -8.14 7.54 5.58
C GLY B 300 -8.85 6.86 4.41
N TYR B 301 -8.12 6.02 3.69
CA TYR B 301 -8.73 5.30 2.59
C TYR B 301 -9.57 4.21 3.23
N THR B 302 -10.39 3.56 2.43
CA THR B 302 -11.20 2.49 2.95
C THR B 302 -10.97 1.17 2.23
N ALA B 303 -10.89 0.08 2.97
CA ALA B 303 -10.67 -1.22 2.37
C ALA B 303 -11.59 -1.39 1.17
N ALA B 304 -12.80 -0.88 1.25
CA ALA B 304 -13.70 -1.03 0.12
C ALA B 304 -13.29 -0.20 -1.09
N SER B 305 -12.64 0.93 -0.86
CA SER B 305 -12.21 1.76 -1.97
C SER B 305 -11.05 1.11 -2.69
N ILE B 306 -10.19 0.43 -1.95
CA ILE B 306 -9.02 -0.24 -2.55
C ILE B 306 -9.48 -1.42 -3.38
N ARG B 307 -10.41 -2.22 -2.85
CA ARG B 307 -10.95 -3.33 -3.61
C ARG B 307 -11.50 -2.81 -4.95
N GLU B 308 -12.15 -1.64 -4.92
CA GLU B 308 -12.69 -1.06 -6.12
C GLU B 308 -11.55 -0.74 -7.07
N PHE B 309 -10.49 -0.12 -6.54
CA PHE B 309 -9.32 0.21 -7.33
C PHE B 309 -8.83 -1.04 -8.08
N CYS B 310 -8.60 -2.14 -7.36
CA CYS B 310 -8.17 -3.37 -7.97
C CYS B 310 -9.21 -3.74 -9.02
N LYS B 311 -10.48 -3.73 -8.66
CA LYS B 311 -11.51 -4.08 -9.61
C LYS B 311 -11.30 -3.29 -10.90
N ARG B 312 -10.95 -2.02 -10.76
CA ARG B 312 -10.79 -1.13 -11.92
C ARG B 312 -9.56 -1.27 -12.79
N ILE B 313 -8.38 -1.35 -12.20
CA ILE B 313 -7.16 -1.45 -13.02
C ILE B 313 -7.04 -2.70 -13.94
N GLY B 314 -7.81 -3.75 -13.66
CA GLY B 314 -7.77 -4.96 -14.48
C GLY B 314 -6.59 -5.88 -14.20
N VAL B 315 -6.44 -6.91 -15.02
CA VAL B 315 -5.34 -7.85 -14.87
C VAL B 315 -4.92 -8.24 -16.29
N THR B 316 -3.72 -7.85 -16.72
CA THR B 316 -3.25 -8.16 -18.06
C THR B 316 -1.73 -8.43 -18.05
N LYS B 317 -1.15 -8.68 -19.24
CA LYS B 317 0.29 -8.91 -19.39
C LYS B 317 0.93 -7.57 -19.79
N GLN B 318 0.09 -6.56 -19.91
CA GLN B 318 0.50 -5.25 -20.35
C GLN B 318 1.22 -4.47 -19.27
N ASP B 319 2.39 -3.91 -19.58
CA ASP B 319 3.07 -3.09 -18.58
C ASP B 319 2.21 -1.84 -18.47
N ASN B 320 2.17 -1.20 -17.31
CA ASN B 320 1.28 -0.05 -17.18
C ASN B 320 1.59 0.86 -16.02
N THR B 321 1.05 2.07 -16.05
CA THR B 321 1.19 3.02 -14.97
C THR B 321 -0.12 3.80 -14.77
N ILE B 322 -0.73 3.55 -13.63
CA ILE B 322 -1.99 4.19 -13.30
C ILE B 322 -1.77 5.57 -12.71
N GLU B 323 -2.64 6.51 -13.06
CA GLU B 323 -2.52 7.85 -12.56
C GLU B 323 -3.22 7.88 -11.23
N MET B 324 -2.76 8.75 -10.34
CA MET B 324 -3.37 8.88 -9.03
C MET B 324 -4.84 9.24 -9.18
N ALA B 325 -5.20 9.90 -10.27
CA ALA B 325 -6.58 10.29 -10.48
C ALA B 325 -7.52 9.12 -10.34
N SER B 326 -7.06 7.95 -10.74
CA SER B 326 -7.87 6.74 -10.69
C SER B 326 -8.03 6.25 -9.25
N LEU B 327 -6.94 6.29 -8.48
CA LEU B 327 -7.01 5.85 -7.08
C LEU B 327 -7.93 6.81 -6.38
N GLU B 328 -7.60 8.09 -6.49
CA GLU B 328 -8.33 9.17 -5.84
C GLU B 328 -9.80 9.16 -6.21
N SER B 329 -10.10 8.75 -7.43
CA SER B 329 -11.49 8.69 -7.82
C SER B 329 -12.23 7.73 -6.88
N CYS B 330 -11.68 6.53 -6.71
CA CYS B 330 -12.28 5.51 -5.89
C CYS B 330 -12.63 5.96 -4.49
N ILE B 331 -11.66 6.51 -3.76
CA ILE B 331 -11.96 6.92 -2.39
C ILE B 331 -12.98 8.03 -2.31
N ARG B 332 -12.98 8.93 -3.30
CA ARG B 332 -13.94 10.02 -3.29
C ARG B 332 -15.33 9.44 -3.38
N GLU B 333 -15.56 8.62 -4.39
CA GLU B 333 -16.86 7.99 -4.59
C GLU B 333 -17.36 7.33 -3.30
N ASP B 334 -16.49 6.60 -2.61
CA ASP B 334 -16.89 5.93 -1.37
C ASP B 334 -17.29 6.99 -0.37
N LEU B 335 -16.31 7.76 0.05
CA LEU B 335 -16.55 8.82 1.04
C LEU B 335 -17.71 9.78 0.74
N ASN B 336 -17.87 10.20 -0.50
CA ASN B 336 -18.97 11.10 -0.83
C ASN B 336 -20.31 10.49 -0.41
N GLU B 337 -20.41 9.18 -0.51
CA GLU B 337 -21.65 8.50 -0.17
C GLU B 337 -21.83 8.26 1.29
N ASN B 338 -20.75 7.91 1.97
CA ASN B 338 -20.85 7.55 3.37
C ASN B 338 -20.31 8.53 4.37
N ALA B 339 -19.68 9.61 3.93
CA ALA B 339 -19.12 10.53 4.90
C ALA B 339 -20.07 11.59 5.41
N PRO B 340 -20.17 11.68 6.73
CA PRO B 340 -21.04 12.70 7.28
C PRO B 340 -20.25 13.98 7.11
N ARG B 341 -20.93 14.98 6.55
CA ARG B 341 -20.38 16.32 6.34
C ARG B 341 -20.22 17.03 7.70
N ALA B 342 -19.33 18.01 7.74
CA ALA B 342 -19.10 18.77 8.97
C ALA B 342 -18.43 20.04 8.51
N MET B 343 -17.94 20.85 9.44
CA MET B 343 -17.28 22.08 9.00
C MET B 343 -16.07 22.50 9.82
N ALA B 344 -15.06 22.95 9.09
CA ALA B 344 -13.80 23.42 9.68
C ALA B 344 -13.17 24.43 8.74
N VAL B 345 -12.37 25.31 9.32
CA VAL B 345 -11.70 26.35 8.58
C VAL B 345 -10.23 26.13 8.77
N ILE B 346 -9.55 25.98 7.64
CA ILE B 346 -8.11 25.71 7.63
C ILE B 346 -7.27 27.00 7.77
N ASP B 347 -7.55 27.98 6.92
CA ASP B 347 -6.83 29.26 6.97
C ASP B 347 -7.87 30.24 7.51
N PRO B 348 -7.73 30.65 8.77
CA PRO B 348 -8.77 31.58 9.25
C PRO B 348 -8.52 33.07 9.51
N VAL B 349 -9.47 33.86 9.03
CA VAL B 349 -9.50 35.30 9.23
C VAL B 349 -10.86 35.56 9.90
N LYS B 350 -10.85 36.29 11.01
CA LYS B 350 -12.07 36.60 11.76
C LYS B 350 -13.12 37.44 11.03
N LEU B 351 -14.38 37.16 11.27
CA LEU B 351 -15.44 37.89 10.61
C LEU B 351 -16.54 38.15 11.63
N VAL B 352 -16.74 39.42 12.00
CA VAL B 352 -17.80 39.77 12.94
C VAL B 352 -18.99 40.39 12.23
N ILE B 353 -20.16 40.11 12.76
CA ILE B 353 -21.39 40.68 12.25
C ILE B 353 -21.77 41.63 13.37
N GLU B 354 -21.77 42.91 13.06
CA GLU B 354 -22.12 43.94 14.04
C GLU B 354 -23.66 43.93 14.24
N ASN B 355 -24.36 43.79 13.13
CA ASN B 355 -25.82 43.73 13.11
C ASN B 355 -26.40 42.69 14.08
N TYR B 356 -25.61 41.66 14.39
CA TYR B 356 -26.03 40.57 15.27
C TYR B 356 -26.22 40.94 16.75
N GLN B 357 -27.44 40.68 17.26
CA GLN B 357 -27.77 40.94 18.66
C GLN B 357 -28.05 39.59 19.31
N GLY B 358 -27.30 39.26 20.36
CA GLY B 358 -27.50 38.00 21.04
C GLY B 358 -26.19 37.30 21.39
N GLU B 359 -26.26 36.36 22.32
CA GLU B 359 -25.09 35.61 22.75
C GLU B 359 -24.80 34.42 21.85
N GLY B 360 -25.63 34.24 20.83
CA GLY B 360 -25.43 33.14 19.91
C GLY B 360 -26.55 32.11 19.92
N GLU B 361 -27.08 31.84 18.72
CA GLU B 361 -28.16 30.89 18.57
C GLU B 361 -27.66 29.50 18.20
N MET B 362 -28.51 28.74 17.52
CA MET B 362 -28.18 27.38 17.13
C MET B 362 -28.86 27.07 15.82
N VAL B 363 -28.06 26.64 14.85
CA VAL B 363 -28.57 26.29 13.53
C VAL B 363 -28.49 24.77 13.32
N THR B 364 -29.58 24.20 12.80
CA THR B 364 -29.64 22.77 12.55
C THR B 364 -29.09 22.48 11.18
N MET B 365 -28.01 21.71 11.15
CA MET B 365 -27.37 21.33 9.91
C MET B 365 -27.49 19.83 9.66
N PRO B 366 -27.55 19.43 8.37
CA PRO B 366 -27.67 18.03 7.97
C PRO B 366 -26.31 17.38 8.08
N ASN B 367 -26.31 16.08 8.38
CA ASN B 367 -25.07 15.32 8.45
C ASN B 367 -24.77 14.86 7.02
N HIS B 368 -25.75 15.03 6.14
CA HIS B 368 -25.58 14.66 4.75
C HIS B 368 -26.61 15.30 3.84
N PRO B 369 -26.24 16.41 3.19
CA PRO B 369 -27.02 17.21 2.25
C PRO B 369 -27.80 16.47 1.19
N ASN B 370 -27.51 15.20 0.96
CA ASN B 370 -28.26 14.47 -0.05
C ASN B 370 -28.83 13.19 0.50
N LYS B 371 -28.55 12.93 1.77
CA LYS B 371 -29.05 11.73 2.43
C LYS B 371 -29.65 12.03 3.78
N PRO B 372 -30.84 12.63 3.82
CA PRO B 372 -31.55 12.99 5.05
C PRO B 372 -31.56 11.85 6.09
N GLU B 373 -31.56 10.62 5.60
CA GLU B 373 -31.57 9.44 6.45
C GLU B 373 -30.45 9.49 7.46
N MET B 374 -29.34 10.12 7.10
CA MET B 374 -28.20 10.18 8.00
C MET B 374 -28.33 11.11 9.19
N GLY B 375 -29.48 11.76 9.32
CA GLY B 375 -29.72 12.65 10.44
C GLY B 375 -29.33 14.12 10.29
N SER B 376 -29.41 14.85 11.40
CA SER B 376 -29.07 16.27 11.43
C SER B 376 -28.42 16.58 12.77
N ARG B 377 -27.94 17.81 12.93
CA ARG B 377 -27.30 18.21 14.17
C ARG B 377 -27.49 19.68 14.49
N GLN B 378 -27.15 20.05 15.72
CA GLN B 378 -27.28 21.42 16.23
C GLN B 378 -25.93 22.13 16.31
N VAL B 379 -25.67 23.01 15.34
CA VAL B 379 -24.42 23.76 15.23
C VAL B 379 -24.60 25.20 15.69
N PRO B 380 -23.78 25.62 16.66
CA PRO B 380 -23.88 27.00 17.18
C PRO B 380 -23.55 28.14 16.22
N PHE B 381 -24.51 29.02 15.97
CA PHE B 381 -24.27 30.19 15.13
C PHE B 381 -23.93 31.34 16.05
N SER B 382 -23.38 32.40 15.50
CA SER B 382 -23.00 33.53 16.32
C SER B 382 -22.75 34.76 15.45
N GLY B 383 -22.19 35.80 16.05
CA GLY B 383 -21.90 37.03 15.33
C GLY B 383 -20.42 37.17 15.01
N GLU B 384 -19.57 36.80 15.95
CA GLU B 384 -18.12 36.85 15.75
C GLU B 384 -17.68 35.44 15.29
N ILE B 385 -17.76 35.19 13.99
CA ILE B 385 -17.41 33.89 13.46
C ILE B 385 -15.96 33.76 12.92
N TRP B 386 -15.71 32.65 12.22
CA TRP B 386 -14.40 32.33 11.61
C TRP B 386 -14.62 31.97 10.17
N ILE B 387 -13.83 32.55 9.28
CA ILE B 387 -13.96 32.17 7.88
C ILE B 387 -12.59 31.92 7.26
N ASP B 388 -12.60 31.19 6.16
CA ASP B 388 -11.38 30.87 5.47
C ASP B 388 -10.96 32.05 4.60
N ARG B 389 -9.70 32.45 4.77
CA ARG B 389 -9.10 33.57 4.07
C ARG B 389 -9.57 33.63 2.62
N ALA B 390 -9.12 32.68 1.81
CA ALA B 390 -9.46 32.67 0.39
C ALA B 390 -10.92 32.79 0.00
N ASP B 391 -11.81 32.94 0.97
CA ASP B 391 -13.21 33.08 0.65
C ASP B 391 -13.62 34.53 0.53
N PHE B 392 -12.81 35.42 1.08
CA PHE B 392 -13.10 36.84 0.98
C PHE B 392 -12.18 37.49 -0.04
N ARG B 393 -12.76 38.36 -0.86
CA ARG B 393 -12.02 39.10 -1.87
C ARG B 393 -12.46 40.57 -1.86
N GLU B 394 -11.51 41.45 -1.56
CA GLU B 394 -11.76 42.90 -1.52
C GLU B 394 -12.04 43.38 -2.95
N GLU B 395 -11.47 42.65 -3.91
CA GLU B 395 -11.59 42.95 -5.32
C GLU B 395 -11.76 41.66 -6.13
N ALA B 396 -12.81 41.56 -6.94
CA ALA B 396 -12.99 40.34 -7.72
C ALA B 396 -13.82 40.50 -8.99
N ASN B 397 -13.99 39.41 -9.73
CA ASN B 397 -14.75 39.41 -10.97
C ASN B 397 -15.94 38.46 -10.91
N LYS B 398 -16.87 38.62 -11.85
CA LYS B 398 -18.09 37.80 -11.95
C LYS B 398 -17.89 36.31 -11.64
N GLN B 399 -16.75 35.76 -12.05
CA GLN B 399 -16.44 34.37 -11.80
C GLN B 399 -16.49 34.13 -10.28
N TYR B 400 -15.61 34.81 -9.56
CA TYR B 400 -15.53 34.69 -8.10
C TYR B 400 -16.93 34.72 -7.50
N LYS B 401 -17.39 33.59 -6.97
CA LYS B 401 -18.73 33.52 -6.39
C LYS B 401 -18.74 33.44 -4.87
N ARG B 402 -17.74 34.03 -4.23
CA ARG B 402 -17.68 34.03 -2.77
C ARG B 402 -17.87 35.42 -2.12
N LEU B 403 -17.16 35.76 -1.06
CA LEU B 403 -17.37 37.07 -0.42
C LEU B 403 -16.50 38.25 -0.83
N VAL B 404 -17.07 39.10 -1.68
CA VAL B 404 -16.37 40.30 -2.15
C VAL B 404 -16.80 41.47 -1.24
N LEU B 405 -15.96 42.49 -1.11
CA LEU B 405 -16.27 43.64 -0.24
C LEU B 405 -17.44 44.53 -0.69
N GLY B 406 -18.36 43.99 -1.46
CA GLY B 406 -19.48 44.78 -1.91
C GLY B 406 -20.80 44.04 -1.88
N LYS B 407 -20.75 42.72 -2.05
CA LYS B 407 -21.96 41.93 -2.05
C LYS B 407 -22.21 41.02 -0.85
N GLU B 408 -23.22 40.16 -1.00
CA GLU B 408 -23.59 39.23 0.04
C GLU B 408 -23.18 37.79 -0.30
N VAL B 409 -23.04 36.96 0.74
CA VAL B 409 -22.68 35.56 0.61
C VAL B 409 -23.42 34.72 1.65
N ARG B 410 -23.98 33.60 1.21
CA ARG B 410 -24.69 32.74 2.15
C ARG B 410 -23.71 31.94 3.01
N LEU B 411 -23.95 31.96 4.31
CA LEU B 411 -23.13 31.15 5.20
C LEU B 411 -23.72 29.73 5.13
N ARG B 412 -22.91 28.71 5.38
CA ARG B 412 -23.43 27.36 5.27
C ARG B 412 -24.56 27.14 6.25
N ASN B 413 -25.73 26.83 5.69
CA ASN B 413 -26.95 26.56 6.44
C ASN B 413 -27.35 27.68 7.41
N ALA B 414 -26.89 28.90 7.18
CA ALA B 414 -27.23 30.00 8.07
C ALA B 414 -27.74 31.24 7.35
N TYR B 415 -27.18 32.40 7.71
CA TYR B 415 -27.61 33.68 7.16
C TYR B 415 -26.85 34.23 5.97
N VAL B 416 -27.57 35.01 5.15
CA VAL B 416 -27.01 35.69 3.98
C VAL B 416 -26.37 36.97 4.46
N ILE B 417 -25.07 36.94 4.75
CA ILE B 417 -24.39 38.13 5.22
C ILE B 417 -24.04 39.03 4.05
N LYS B 418 -23.53 40.22 4.35
CA LYS B 418 -23.14 41.19 3.34
C LYS B 418 -21.88 41.94 3.76
N ALA B 419 -20.85 41.87 2.91
CA ALA B 419 -19.58 42.53 3.17
C ALA B 419 -19.71 44.05 3.19
N GLU B 420 -19.02 44.68 4.14
CA GLU B 420 -19.09 46.12 4.28
C GLU B 420 -17.79 46.85 4.62
N ARG B 421 -17.24 46.54 5.78
CA ARG B 421 -16.03 47.22 6.25
C ARG B 421 -14.92 46.27 6.69
N VAL B 422 -13.79 46.36 6.02
CA VAL B 422 -12.62 45.53 6.34
C VAL B 422 -11.79 46.28 7.38
N GLU B 423 -10.75 45.63 7.88
CA GLU B 423 -9.84 46.23 8.84
C GLU B 423 -8.53 45.56 8.54
N LYS B 424 -7.49 46.33 8.26
CA LYS B 424 -6.23 45.71 7.93
C LYS B 424 -5.16 45.62 8.99
N ASP B 425 -4.35 44.59 8.81
CA ASP B 425 -3.20 44.31 9.63
C ASP B 425 -2.19 45.30 9.05
N ALA B 426 -1.32 45.82 9.90
CA ALA B 426 -0.30 46.79 9.47
C ALA B 426 0.38 46.43 8.15
N GLU B 427 0.71 45.15 7.98
CA GLU B 427 1.38 44.70 6.77
C GLU B 427 0.41 44.40 5.63
N GLY B 428 -0.54 45.31 5.39
CA GLY B 428 -1.50 45.16 4.32
C GLY B 428 -2.43 43.96 4.37
N ASN B 429 -2.33 43.17 5.44
CA ASN B 429 -3.17 41.98 5.61
C ASN B 429 -4.52 42.36 6.17
N ILE B 430 -5.42 41.40 6.31
CA ILE B 430 -6.75 41.67 6.86
C ILE B 430 -6.84 41.11 8.27
N THR B 431 -7.09 41.98 9.26
CA THR B 431 -7.21 41.52 10.64
C THR B 431 -8.61 40.99 10.87
N THR B 432 -9.59 41.60 10.24
CA THR B 432 -10.97 41.17 10.42
C THR B 432 -11.88 41.74 9.37
N ILE B 433 -13.06 41.15 9.26
CA ILE B 433 -14.06 41.59 8.32
C ILE B 433 -15.34 41.93 9.10
N PHE B 434 -15.97 43.03 8.72
CA PHE B 434 -17.22 43.48 9.34
C PHE B 434 -18.25 43.41 8.24
N CYS B 435 -19.38 42.77 8.54
CA CYS B 435 -20.46 42.59 7.58
C CYS B 435 -21.81 42.59 8.28
N THR B 436 -22.85 42.91 7.54
CA THR B 436 -24.19 42.93 8.11
C THR B 436 -24.92 41.66 7.74
N TYR B 437 -25.77 41.21 8.65
CA TYR B 437 -26.54 39.99 8.44
C TYR B 437 -28.01 40.35 8.28
N ASP B 438 -28.74 39.52 7.54
CA ASP B 438 -30.16 39.73 7.31
C ASP B 438 -30.89 38.64 8.10
N ALA B 439 -31.52 39.01 9.20
CA ALA B 439 -32.21 38.03 10.06
C ALA B 439 -33.27 37.14 9.43
N ASP B 440 -33.67 37.45 8.20
CA ASP B 440 -34.65 36.63 7.54
C ASP B 440 -33.98 35.91 6.38
N THR B 441 -32.91 35.19 6.67
CA THR B 441 -32.19 34.44 5.66
C THR B 441 -31.83 33.05 6.15
N LEU B 442 -32.77 32.12 5.96
CA LEU B 442 -32.62 30.70 6.34
C LEU B 442 -34.00 30.03 6.31
N GLY B 454 -23.18 32.75 -3.82
CA GLY B 454 -22.41 31.58 -3.43
C GLY B 454 -22.36 31.37 -1.92
N VAL B 455 -22.08 30.14 -1.51
CA VAL B 455 -22.00 29.81 -0.09
C VAL B 455 -20.55 29.75 0.34
N ILE B 456 -20.31 29.89 1.63
CA ILE B 456 -18.97 29.78 2.20
C ILE B 456 -19.17 29.10 3.56
N HIS B 457 -18.14 28.41 4.04
CA HIS B 457 -18.24 27.73 5.33
C HIS B 457 -17.74 28.63 6.47
N TRP B 458 -18.11 28.30 7.70
CA TRP B 458 -17.74 29.13 8.82
C TRP B 458 -17.69 28.37 10.13
N VAL B 459 -17.20 29.03 11.17
CA VAL B 459 -17.11 28.42 12.49
C VAL B 459 -17.19 29.47 13.60
N SER B 460 -18.28 29.43 14.39
CA SER B 460 -18.47 30.35 15.51
C SER B 460 -17.21 30.36 16.40
N ALA B 461 -16.54 31.54 16.42
CA ALA B 461 -15.32 31.76 17.19
C ALA B 461 -15.44 31.28 18.62
N ALA B 462 -16.54 31.63 19.27
CA ALA B 462 -16.79 31.26 20.65
C ALA B 462 -16.88 29.75 20.87
N HIS B 463 -17.49 29.05 19.92
CA HIS B 463 -17.69 27.61 20.03
C HIS B 463 -16.72 26.76 19.20
N ALA B 464 -15.68 27.39 18.66
CA ALA B 464 -14.70 26.69 17.82
C ALA B 464 -13.70 25.77 18.55
N LEU B 465 -13.46 24.62 17.94
CA LEU B 465 -12.54 23.63 18.49
C LEU B 465 -11.17 23.73 17.80
N PRO B 466 -10.10 23.94 18.59
CA PRO B 466 -8.75 24.05 18.05
C PRO B 466 -8.38 22.73 17.37
N VAL B 467 -8.10 22.76 16.06
CA VAL B 467 -7.75 21.54 15.38
C VAL B 467 -6.58 21.65 14.42
N GLU B 468 -5.66 20.69 14.47
CA GLU B 468 -4.52 20.72 13.58
C GLU B 468 -4.94 20.06 12.29
N ILE B 469 -4.38 20.50 11.18
CA ILE B 469 -4.73 19.88 9.93
C ILE B 469 -3.46 19.52 9.17
N ARG B 470 -3.45 18.32 8.61
CA ARG B 470 -2.31 17.90 7.86
C ARG B 470 -2.73 17.71 6.42
N LEU B 471 -2.28 18.65 5.59
CA LEU B 471 -2.58 18.66 4.16
C LEU B 471 -1.48 17.88 3.46
N TYR B 472 -1.84 16.71 2.94
CA TYR B 472 -0.92 15.81 2.27
C TYR B 472 -1.01 15.96 0.78
N ASP B 473 0.13 15.89 0.10
CA ASP B 473 0.20 15.98 -1.35
C ASP B 473 1.07 14.79 -1.81
N ARG B 474 1.30 14.64 -3.11
CA ARG B 474 2.09 13.51 -3.53
C ARG B 474 3.52 13.58 -2.99
N LEU B 475 4.11 12.43 -2.70
CA LEU B 475 5.46 12.40 -2.14
C LEU B 475 6.54 12.83 -3.10
N PHE B 476 6.37 12.54 -4.39
CA PHE B 476 7.38 12.88 -5.37
C PHE B 476 6.94 13.95 -6.35
N SER B 477 7.89 14.71 -6.87
CA SER B 477 7.53 15.78 -7.78
C SER B 477 7.63 15.38 -9.23
N VAL B 478 7.90 14.12 -9.50
CA VAL B 478 7.97 13.64 -10.88
C VAL B 478 7.06 12.42 -10.90
N PRO B 479 6.53 12.06 -12.06
CA PRO B 479 5.65 10.90 -12.11
C PRO B 479 6.32 9.54 -11.93
N ASN B 480 7.57 9.39 -12.33
CA ASN B 480 8.25 8.10 -12.17
C ASN B 480 9.55 8.27 -11.35
N PRO B 481 9.44 8.72 -10.10
CA PRO B 481 10.63 8.88 -9.27
C PRO B 481 11.49 7.62 -9.28
N GLY B 482 10.90 6.51 -9.66
CA GLY B 482 11.65 5.27 -9.70
C GLY B 482 12.78 5.38 -10.69
N ALA B 483 12.45 5.81 -11.89
CA ALA B 483 13.41 5.98 -12.96
C ALA B 483 14.36 7.15 -12.78
N ALA B 484 14.53 7.63 -11.56
CA ALA B 484 15.42 8.76 -11.33
C ALA B 484 16.75 8.27 -10.79
N ASP B 485 17.81 9.02 -11.10
CA ASP B 485 19.18 8.69 -10.68
C ASP B 485 19.26 8.63 -9.17
N ASP B 486 18.40 9.43 -8.54
CA ASP B 486 18.34 9.50 -7.08
C ASP B 486 16.92 9.95 -6.77
N PHE B 487 16.04 9.01 -6.49
CA PHE B 487 14.65 9.34 -6.20
C PHE B 487 14.56 10.27 -5.00
N LEU B 488 15.48 10.16 -4.05
CA LEU B 488 15.39 11.03 -2.87
C LEU B 488 15.45 12.50 -3.24
N SER B 489 16.35 12.86 -4.14
CA SER B 489 16.48 14.25 -4.50
C SER B 489 15.25 14.76 -5.25
N VAL B 490 14.34 13.85 -5.57
CA VAL B 490 13.13 14.26 -6.27
C VAL B 490 11.84 14.23 -5.37
N ILE B 491 12.05 14.24 -4.06
CA ILE B 491 10.92 14.26 -3.13
C ILE B 491 10.24 15.64 -3.20
N ASN B 492 8.92 15.68 -2.97
CA ASN B 492 8.17 16.94 -2.97
C ASN B 492 8.32 17.61 -1.60
N PRO B 493 8.78 18.89 -1.57
CA PRO B 493 8.87 19.39 -0.20
C PRO B 493 7.54 19.78 0.39
N GLU B 494 6.51 19.81 -0.45
CA GLU B 494 5.19 20.10 0.04
C GLU B 494 4.30 18.86 0.14
N SER B 495 4.89 17.68 0.37
CA SER B 495 4.12 16.43 0.52
C SER B 495 3.24 16.52 1.77
N LEU B 496 3.64 17.34 2.74
CA LEU B 496 2.88 17.53 3.98
C LEU B 496 2.96 18.97 4.45
N VAL B 497 1.83 19.65 4.54
CA VAL B 497 1.79 21.02 5.01
C VAL B 497 0.75 21.14 6.14
N ILE B 498 1.30 21.36 7.34
CA ILE B 498 0.52 21.47 8.55
C ILE B 498 -0.13 22.84 8.76
N LYS B 499 -1.35 22.83 9.31
CA LYS B 499 -2.11 24.05 9.55
C LYS B 499 -2.79 23.95 10.89
N GLN B 500 -3.20 25.10 11.41
CA GLN B 500 -3.94 25.17 12.66
C GLN B 500 -5.21 25.88 12.20
N GLY B 501 -6.35 25.26 12.43
CA GLY B 501 -7.61 25.85 12.01
C GLY B 501 -8.63 25.65 13.09
N PHE B 502 -9.90 25.78 12.74
CA PHE B 502 -10.96 25.60 13.70
C PHE B 502 -12.05 24.76 13.08
N ALA B 503 -12.73 23.96 13.91
CA ALA B 503 -13.82 23.12 13.43
C ALA B 503 -14.93 23.15 14.45
N GLU B 504 -16.16 22.93 13.98
CA GLU B 504 -17.31 22.91 14.86
C GLU B 504 -17.04 21.87 15.96
N PRO B 505 -17.50 22.12 17.20
CA PRO B 505 -17.30 21.22 18.35
C PRO B 505 -17.77 19.75 18.27
N SER B 506 -18.62 19.42 17.30
CA SER B 506 -19.08 18.03 17.19
C SER B 506 -17.91 17.14 16.79
N LEU B 507 -16.93 17.71 16.13
CA LEU B 507 -15.76 16.94 15.73
C LEU B 507 -14.98 16.55 16.97
N LYS B 508 -15.51 16.92 18.13
CA LYS B 508 -14.92 16.58 19.40
C LYS B 508 -15.05 15.07 19.57
N ASP B 509 -16.04 14.50 18.90
CA ASP B 509 -16.30 13.07 19.00
C ASP B 509 -15.90 12.21 17.82
N ALA B 510 -14.96 12.70 17.01
CA ALA B 510 -14.50 11.92 15.88
C ALA B 510 -13.60 10.76 16.37
N VAL B 511 -13.77 9.58 15.76
CA VAL B 511 -12.98 8.43 16.13
C VAL B 511 -11.87 8.22 15.10
N ALA B 512 -10.75 7.68 15.56
CA ALA B 512 -9.63 7.41 14.64
C ALA B 512 -10.17 6.62 13.43
N GLY B 513 -9.91 7.15 12.25
CA GLY B 513 -10.38 6.50 11.04
C GLY B 513 -11.90 6.44 10.98
N LYS B 514 -12.49 7.55 10.54
CA LYS B 514 -13.93 7.73 10.35
C LYS B 514 -13.95 9.03 9.55
N ALA B 515 -13.87 8.89 8.24
CA ALA B 515 -13.80 10.04 7.37
C ALA B 515 -15.02 10.92 7.35
N PHE B 516 -14.77 12.22 7.54
CA PHE B 516 -15.79 13.28 7.51
C PHE B 516 -15.47 14.06 6.23
N GLN B 517 -16.47 14.75 5.71
CA GLN B 517 -16.27 15.57 4.51
C GLN B 517 -16.34 17.02 4.96
N PHE B 518 -15.20 17.64 5.31
CA PHE B 518 -15.17 19.05 5.69
C PHE B 518 -15.71 19.73 4.45
N GLU B 519 -16.92 20.26 4.55
CA GLU B 519 -17.61 20.90 3.43
C GLU B 519 -16.75 21.87 2.67
N ARG B 520 -16.72 21.71 1.34
CA ARG B 520 -15.95 22.55 0.42
C ARG B 520 -14.42 22.45 0.48
N GLU B 521 -13.88 21.55 1.29
CA GLU B 521 -12.42 21.37 1.36
C GLU B 521 -12.15 19.97 0.84
N GLY B 522 -12.17 18.99 1.74
CA GLY B 522 -11.94 17.61 1.32
C GLY B 522 -12.34 16.64 2.41
N TYR B 523 -12.24 15.35 2.15
CA TYR B 523 -12.57 14.38 3.18
C TYR B 523 -11.36 14.31 4.09
N PHE B 524 -11.60 14.43 5.40
CA PHE B 524 -10.54 14.39 6.36
C PHE B 524 -10.83 13.26 7.33
N CYS B 525 -9.85 12.84 8.12
CA CYS B 525 -10.06 11.80 9.10
C CYS B 525 -9.09 11.98 10.27
N LEU B 526 -9.51 11.66 11.49
CA LEU B 526 -8.68 11.86 12.67
C LEU B 526 -7.45 10.98 12.60
N ASP B 527 -6.28 11.58 12.73
CA ASP B 527 -5.03 10.84 12.69
C ASP B 527 -4.86 10.18 14.06
N SER B 528 -4.81 8.85 14.09
CA SER B 528 -4.65 8.16 15.36
C SER B 528 -3.37 8.63 16.00
N ARG B 529 -2.26 8.17 15.44
CA ARG B 529 -0.91 8.47 15.90
C ARG B 529 -0.66 9.83 16.56
N HIS B 530 -1.31 10.88 16.07
CA HIS B 530 -1.07 12.22 16.61
C HIS B 530 -2.11 12.92 17.48
N SER B 531 -3.38 12.70 17.19
CA SER B 531 -4.44 13.34 17.94
C SER B 531 -4.35 13.10 19.44
N THR B 532 -4.92 14.02 20.21
CA THR B 532 -4.97 13.91 21.66
C THR B 532 -6.32 14.47 22.07
N ALA B 533 -6.46 14.73 23.37
CA ALA B 533 -7.69 15.26 23.93
C ALA B 533 -8.01 16.69 23.51
N GLU B 534 -7.13 17.64 23.82
CA GLU B 534 -7.39 19.03 23.44
C GLU B 534 -7.17 19.20 21.95
N LYS B 535 -5.95 18.86 21.52
CA LYS B 535 -5.57 19.02 20.14
C LYS B 535 -5.76 17.80 19.22
N PRO B 536 -6.88 17.77 18.48
CA PRO B 536 -7.09 16.63 17.60
C PRO B 536 -6.24 16.91 16.38
N VAL B 537 -6.03 15.89 15.54
CA VAL B 537 -5.22 16.03 14.33
C VAL B 537 -6.00 15.40 13.18
N PHE B 538 -6.22 16.17 12.12
CA PHE B 538 -6.97 15.66 10.98
C PHE B 538 -6.16 15.52 9.69
N ASN B 539 -6.04 14.29 9.19
CA ASN B 539 -5.30 14.06 7.95
C ASN B 539 -6.24 14.28 6.80
N ARG B 540 -5.77 14.96 5.77
CA ARG B 540 -6.63 15.19 4.62
C ARG B 540 -6.42 13.99 3.76
N THR B 541 -7.48 13.20 3.62
CA THR B 541 -7.47 12.00 2.81
C THR B 541 -7.31 12.33 1.34
N VAL B 542 -8.25 13.12 0.83
CA VAL B 542 -8.26 13.52 -0.57
C VAL B 542 -9.05 14.83 -0.71
N GLY B 543 -8.64 15.68 -1.63
CA GLY B 543 -9.35 16.93 -1.82
C GLY B 543 -10.60 16.69 -2.62
N LEU B 544 -11.42 17.72 -2.75
CA LEU B 544 -12.66 17.65 -3.51
C LEU B 544 -12.35 18.07 -4.95
N ARG B 545 -13.24 17.72 -5.87
CA ARG B 545 -13.07 18.10 -7.27
C ARG B 545 -13.08 19.64 -7.36
N ASP B 546 -11.90 20.24 -7.50
CA ASP B 546 -11.78 21.68 -7.60
C ASP B 546 -11.82 22.07 -9.07
N THR B 547 -12.72 22.96 -9.45
CA THR B 547 -12.82 23.36 -10.86
C THR B 547 -13.45 24.73 -11.11
PG ATP C . 10.18 -6.44 -2.98
O1G ATP C . 11.58 -6.08 -3.46
O2G ATP C . 9.22 -5.25 -3.03
O3G ATP C . 10.18 -7.16 -1.63
PB ATP C . 8.08 -8.08 -4.14
O1B ATP C . 7.20 -7.09 -3.48
O2B ATP C . 7.90 -8.39 -5.58
O3B ATP C . 9.58 -7.54 -3.99
PA ATP C . 6.87 -10.09 -2.37
O1A ATP C . 7.21 -11.49 -2.14
O2A ATP C . 6.62 -9.20 -1.20
O3A ATP C . 8.03 -9.44 -3.29
O5' ATP C . 5.55 -10.04 -3.25
C5' ATP C . 4.48 -10.95 -2.98
C4' ATP C . 3.59 -11.06 -4.22
O4' ATP C . 3.14 -9.71 -4.49
C3' ATP C . 4.42 -11.47 -5.43
O3' ATP C . 4.22 -12.88 -5.78
C2' ATP C . 3.99 -10.55 -6.58
O2' ATP C . 3.28 -11.16 -7.60
C1' ATP C . 3.12 -9.52 -5.88
N9 ATP C . 3.51 -8.16 -6.15
C8 ATP C . 4.60 -7.50 -5.66
N7 ATP C . 4.70 -6.27 -6.09
C5 ATP C . 3.60 -6.11 -6.91
C6 ATP C . 3.15 -5.04 -7.69
N6 ATP C . 3.77 -3.86 -7.73
N1 ATP C . 2.03 -5.22 -8.41
C2 ATP C . 1.41 -6.39 -8.35
N3 ATP C . 1.72 -7.48 -7.64
C4 ATP C . 2.85 -7.26 -6.95
HO2' ATP C . 3.13 -10.51 -8.29
HN61 ATP C . 4.61 -3.71 -7.18
HN62 ATP C . 3.40 -3.11 -8.30
#